data_9V50
#
_entry.id   9V50
#
_cell.length_a   38.040
_cell.length_b   52.214
_cell.length_c   222.061
_cell.angle_alpha   90.00
_cell.angle_beta   90.00
_cell.angle_gamma   90.00
#
_symmetry.space_group_name_H-M   'C 2 2 21'
#
loop_
_entity.id
_entity.type
_entity.pdbx_description
1 polymer 'RNA (71-MER)'
2 non-polymer 2-azanyl-8-methyl-1,9-dihydropurin-6-one
3 non-polymer 'MAGNESIUM ION'
4 water water
#
_entity_poly.entity_id   1
_entity_poly.type   'polyribonucleotide'
_entity_poly.pdbx_seq_one_letter_code
;GGGUUGUAUAAGCUCGUUAAUUUGGAAUGAGCGUAUCUACAGGCAACCGUAAAUUGCCCCAGGCUACAAUC
;
_entity_poly.pdbx_strand_id   A
#
loop_
_chem_comp.id
_chem_comp.type
_chem_comp.name
_chem_comp.formula
A RNA linking ADENOSINE-5'-MONOPHOSPHATE 'C10 H14 N5 O7 P'
A1LXN non-polymer 2-azanyl-8-methyl-1,9-dihydropurin-6-one 'C6 H7 N5 O'
C RNA linking CYTIDINE-5'-MONOPHOSPHATE 'C9 H14 N3 O8 P'
G RNA linking GUANOSINE-5'-MONOPHOSPHATE 'C10 H14 N5 O8 P'
MG non-polymer 'MAGNESIUM ION' 'Mg 2'
U RNA linking URIDINE-5'-MONOPHOSPHATE 'C9 H13 N2 O9 P'
#
# COMPACT_ATOMS: atom_id res chain seq x y z
C02 A1LXN B . 2.15 -2.66 -0.62
C04 A1LXN B . 2.50 -0.55 -0.91
C06 A1LXN B . 2.65 1.71 -0.66
C09 A1LXN B . 1.89 0.36 1.25
C11 A1LXN B . 2.06 -0.72 0.39
C12 A1LXN B . 2.02 -4.12 -0.85
N01 A1LXN B . 2.56 -1.77 -1.53
N03 A1LXN B . 1.85 -2.06 0.56
N05 A1LXN B . 2.82 0.67 -1.48
N07 A1LXN B . 2.84 2.95 -1.12
N08 A1LXN B . 2.21 1.57 0.63
O10 A1LXN B . 1.48 0.33 2.41
MG MG C . -27.02 4.30 1.92
#